data_6WN5
#
_entry.id   6WN5
#
_cell.length_a   62.389
_cell.length_b   62.389
_cell.length_c   103.132
_cell.angle_alpha   90.000
_cell.angle_beta   90.000
_cell.angle_gamma   90.000
#
_symmetry.space_group_name_H-M   'P 43 21 2'
#
loop_
_entity.id
_entity.type
_entity.pdbx_description
1 polymer 'Transcriptional regulator HdfR'
2 non-polymer 'CHLORIDE ION'
3 water water
#
_entity_poly.entity_id   1
_entity_poly.type   'polypeptide(L)'
_entity_poly.pdbx_seq_one_letter_code
;SNA(MSE)NLFTRHRNNIRLTTAGEKLLPYAETL(MSE)NTWQAARKEVAHSSRHNEFSIGASASLWEC(MSE)LNGWLG
TLYSAPYNLQFEARIAQRQSLVKQLHERQLDLLITTESPK(MSE)DELSSQLLGNFTLALYCASPAKNRNELNYLRLEWG
PDFQQNEVGLIGSDDVPLLTTSSAELIYQQLSRLNGCCWLPARWAKEKHGLHTV(MSE)DSATLSRPLYAIWLQNSDKQA
QIHEILKNPILE
;
_entity_poly.pdbx_strand_id   A
#
loop_
_chem_comp.id
_chem_comp.type
_chem_comp.name
_chem_comp.formula
CL non-polymer 'CHLORIDE ION' 'Cl -1'
#
# COMPACT_ATOMS: atom_id res chain seq x y z
N ASN A 48 22.48 -13.72 -1.04
N ASN A 48 22.62 -13.72 -0.91
CA ASN A 48 22.46 -12.46 -0.26
CA ASN A 48 22.49 -12.36 -0.33
C ASN A 48 21.00 -12.11 0.06
C ASN A 48 21.01 -12.07 -0.04
N GLU A 49 20.73 -10.86 0.45
CA GLU A 49 19.37 -10.43 0.86
C GLU A 49 18.42 -10.30 -0.33
N PHE A 50 17.20 -10.82 -0.16
CA PHE A 50 16.14 -10.66 -1.19
C PHE A 50 15.37 -9.37 -0.85
N SER A 51 15.35 -8.40 -1.76
CA SER A 51 14.74 -7.08 -1.47
C SER A 51 13.33 -7.00 -2.05
N ILE A 52 12.39 -6.62 -1.21
CA ILE A 52 10.96 -6.39 -1.55
C ILE A 52 10.68 -4.93 -1.29
N GLY A 53 10.22 -4.20 -2.30
CA GLY A 53 9.97 -2.76 -2.16
C GLY A 53 8.51 -2.42 -2.29
N ALA A 54 8.06 -1.50 -1.46
CA ALA A 54 6.66 -1.04 -1.51
C ALA A 54 6.54 0.27 -0.74
N SER A 55 5.39 0.93 -0.94
CA SER A 55 5.06 2.15 -0.20
C SER A 55 4.93 1.86 1.30
N ALA A 56 5.08 2.90 2.11
CA ALA A 56 4.91 2.75 3.57
C ALA A 56 3.54 2.17 3.90
N SER A 57 2.50 2.62 3.21
CA SER A 57 1.14 2.15 3.53
C SER A 57 0.96 0.67 3.18
N LEU A 58 1.52 0.20 2.04
CA LEU A 58 1.35 -1.26 1.79
C LEU A 58 2.07 -2.06 2.87
N TRP A 59 3.26 -1.65 3.30
CA TRP A 59 3.91 -2.39 4.40
C TRP A 59 3.05 -2.38 5.65
N GLU A 60 2.51 -1.23 6.02
CA GLU A 60 1.72 -1.12 7.27
C GLU A 60 0.42 -1.93 7.19
N CYS A 61 -0.21 -1.94 6.03
CA CYS A 61 -1.61 -2.45 5.94
C CYS A 61 -1.70 -3.91 5.55
N MSE A 62 -0.67 -4.46 4.89
CA MSE A 62 -0.81 -5.86 4.50
C MSE A 62 0.53 -6.58 4.32
O MSE A 62 0.59 -7.82 4.49
CB MSE A 62 -1.65 -5.95 3.21
CG MSE A 62 -1.11 -5.19 2.05
SE MSE A 62 -2.51 -4.92 0.70
CE MSE A 62 -3.62 -3.73 1.75
N LEU A 63 1.59 -5.91 3.91
CA LEU A 63 2.78 -6.69 3.56
C LEU A 63 3.59 -7.13 4.79
N ASN A 64 3.45 -6.44 5.92
N ASN A 64 3.38 -6.44 5.91
CA ASN A 64 4.19 -6.87 7.13
CA ASN A 64 4.04 -6.77 7.20
C ASN A 64 3.72 -8.30 7.51
C ASN A 64 3.69 -8.22 7.58
N GLY A 65 2.41 -8.55 7.50
CA GLY A 65 1.96 -9.92 7.82
C GLY A 65 2.47 -10.95 6.82
N TRP A 66 2.42 -10.61 5.55
CA TRP A 66 2.87 -11.54 4.49
C TRP A 66 4.36 -11.84 4.66
N LEU A 67 5.15 -10.80 4.90
CA LEU A 67 6.61 -11.01 5.09
C LEU A 67 6.83 -11.97 6.26
N GLY A 68 6.10 -11.82 7.36
CA GLY A 68 6.21 -12.74 8.50
C GLY A 68 6.05 -14.19 8.11
N THR A 69 5.18 -14.49 7.14
CA THR A 69 4.95 -15.89 6.73
C THR A 69 6.11 -16.45 5.89
N LEU A 70 6.96 -15.59 5.34
CA LEU A 70 8.02 -16.05 4.41
C LEU A 70 9.15 -16.71 5.20
N TYR A 71 9.28 -16.40 6.49
CA TYR A 71 10.39 -16.95 7.29
C TYR A 71 10.17 -18.44 7.61
N SER A 72 8.94 -18.96 7.53
CA SER A 72 8.63 -20.41 7.76
C SER A 72 8.32 -21.11 6.43
N ALA A 73 8.59 -20.43 5.31
CA ALA A 73 8.38 -21.05 3.98
C ALA A 73 9.50 -22.06 3.77
N PRO A 74 9.28 -23.07 2.88
CA PRO A 74 10.24 -24.16 2.67
C PRO A 74 11.59 -23.74 2.06
N TYR A 75 12.14 -22.62 2.50
CA TYR A 75 13.44 -22.13 1.98
C TYR A 75 14.07 -21.23 3.04
N ASN A 76 15.37 -20.95 2.89
CA ASN A 76 16.17 -20.17 3.86
C ASN A 76 16.64 -18.86 3.22
N LEU A 77 15.98 -17.73 3.49
CA LEU A 77 16.39 -16.41 2.91
C LEU A 77 16.46 -15.34 4.00
N GLN A 78 17.24 -14.30 3.71
CA GLN A 78 17.25 -13.06 4.52
C GLN A 78 16.56 -11.99 3.67
N PHE A 79 15.83 -11.08 4.28
CA PHE A 79 15.01 -10.14 3.48
C PHE A 79 15.30 -8.68 3.78
N GLU A 80 15.06 -7.85 2.77
CA GLU A 80 15.00 -6.40 3.00
C GLU A 80 13.59 -5.93 2.69
N ALA A 81 12.94 -5.31 3.67
CA ALA A 81 11.61 -4.69 3.50
C ALA A 81 11.88 -3.22 3.17
N ARG A 82 11.98 -2.92 1.88
CA ARG A 82 12.41 -1.58 1.43
C ARG A 82 11.19 -0.69 1.29
N ILE A 83 11.27 0.48 1.86
CA ILE A 83 10.19 1.50 1.78
C ILE A 83 10.76 2.63 0.97
N ALA A 84 10.14 2.94 -0.16
CA ALA A 84 10.64 4.04 -1.01
C ALA A 84 9.51 4.50 -1.91
N GLN A 85 9.72 5.66 -2.55
N GLN A 85 9.72 5.66 -2.55
CA GLN A 85 8.76 6.24 -3.52
CA GLN A 85 8.74 6.23 -3.51
C GLN A 85 8.74 5.38 -4.79
C GLN A 85 8.73 5.37 -4.79
N ARG A 86 7.60 5.36 -5.48
CA ARG A 86 7.39 4.52 -6.67
C ARG A 86 8.48 4.72 -7.74
N GLN A 87 8.83 5.96 -8.07
N GLN A 87 8.80 5.97 -8.06
CA GLN A 87 9.79 6.20 -9.18
CA GLN A 87 9.81 6.30 -9.11
C GLN A 87 11.17 5.62 -8.81
C GLN A 87 11.12 5.59 -8.79
N SER A 88 11.57 5.70 -7.53
CA SER A 88 12.87 5.10 -7.10
C SER A 88 12.81 3.58 -7.19
N LEU A 89 11.75 2.94 -6.67
CA LEU A 89 11.65 1.46 -6.74
C LEU A 89 11.65 1.00 -8.20
N VAL A 90 10.92 1.67 -9.09
CA VAL A 90 10.85 1.21 -10.51
C VAL A 90 12.25 1.30 -11.15
N LYS A 91 12.93 2.42 -10.94
CA LYS A 91 14.34 2.59 -11.42
C LYS A 91 15.22 1.47 -10.82
N GLN A 92 15.08 1.20 -9.52
CA GLN A 92 15.89 0.14 -8.87
C GLN A 92 15.62 -1.24 -9.51
N LEU A 93 14.38 -1.56 -9.91
CA LEU A 93 14.16 -2.87 -10.58
C LEU A 93 15.02 -2.96 -11.84
N HIS A 94 15.01 -1.90 -12.64
N HIS A 94 15.00 -1.90 -12.64
CA HIS A 94 15.74 -1.87 -13.94
CA HIS A 94 15.74 -1.84 -13.93
C HIS A 94 17.24 -1.95 -13.70
C HIS A 94 17.24 -1.95 -13.70
N GLU A 95 17.73 -1.42 -12.57
CA GLU A 95 19.19 -1.39 -12.29
C GLU A 95 19.61 -2.61 -11.45
N ARG A 96 18.73 -3.60 -11.32
CA ARG A 96 19.02 -4.84 -10.54
C ARG A 96 19.40 -4.50 -9.09
N GLN A 97 18.90 -3.37 -8.56
CA GLN A 97 19.14 -2.93 -7.15
C GLN A 97 17.96 -3.36 -6.26
N LEU A 98 16.83 -3.77 -6.86
CA LEU A 98 15.62 -4.22 -6.12
C LEU A 98 15.16 -5.52 -6.78
N ASP A 99 14.79 -6.51 -5.98
CA ASP A 99 14.39 -7.82 -6.55
C ASP A 99 12.90 -7.86 -6.89
N LEU A 100 12.06 -7.30 -6.04
CA LEU A 100 10.60 -7.42 -6.23
C LEU A 100 9.91 -6.14 -5.77
N LEU A 101 9.03 -5.60 -6.59
CA LEU A 101 8.17 -4.43 -6.27
C LEU A 101 6.76 -4.93 -6.05
N ILE A 102 6.11 -4.50 -4.97
CA ILE A 102 4.67 -4.75 -4.75
C ILE A 102 4.00 -3.38 -4.89
N THR A 103 2.93 -3.31 -5.70
CA THR A 103 2.31 -2.00 -6.02
C THR A 103 0.86 -2.19 -6.45
N THR A 104 0.07 -1.12 -6.38
CA THR A 104 -1.34 -1.16 -6.83
C THR A 104 -1.48 -0.65 -8.27
N GLU A 105 -0.39 -0.32 -8.95
CA GLU A 105 -0.48 0.17 -10.33
C GLU A 105 0.75 -0.29 -11.11
N SER A 106 0.56 -0.95 -12.26
N SER A 106 0.55 -0.95 -12.25
CA SER A 106 1.69 -1.41 -13.08
CA SER A 106 1.71 -1.39 -13.06
C SER A 106 2.39 -0.20 -13.72
C SER A 106 2.39 -0.14 -13.63
N PRO A 107 3.74 -0.13 -13.65
CA PRO A 107 4.49 0.95 -14.29
C PRO A 107 4.65 0.65 -15.79
N LYS A 108 5.45 1.45 -16.49
CA LYS A 108 5.80 1.12 -17.91
C LYS A 108 6.45 -0.27 -17.86
N MSE A 109 6.03 -1.18 -18.74
CA MSE A 109 6.36 -2.58 -18.54
C MSE A 109 7.51 -3.11 -19.41
O MSE A 109 7.87 -4.27 -19.28
CB MSE A 109 5.09 -3.42 -18.75
CG MSE A 109 4.05 -3.23 -17.64
SE MSE A 109 4.79 -3.70 -15.90
CE MSE A 109 5.27 -5.57 -16.10
N ASP A 110 8.14 -2.24 -20.21
CA ASP A 110 9.25 -2.69 -21.04
C ASP A 110 10.35 -3.29 -20.15
N GLU A 111 10.69 -4.56 -20.40
CA GLU A 111 11.75 -5.37 -19.72
C GLU A 111 11.32 -5.80 -18.31
N LEU A 112 10.06 -5.58 -17.96
CA LEU A 112 9.53 -6.04 -16.65
C LEU A 112 8.46 -7.12 -16.85
N SER A 113 8.23 -7.88 -15.79
CA SER A 113 7.14 -8.87 -15.71
C SER A 113 6.22 -8.48 -14.56
N SER A 114 4.97 -8.89 -14.64
CA SER A 114 4.00 -8.57 -13.58
C SER A 114 3.13 -9.78 -13.30
N GLN A 115 2.62 -9.84 -12.08
CA GLN A 115 1.66 -10.88 -11.68
C GLN A 115 0.62 -10.23 -10.76
N LEU A 116 -0.63 -10.34 -11.14
CA LEU A 116 -1.72 -9.83 -10.32
C LEU A 116 -1.91 -10.77 -9.12
N LEU A 117 -1.77 -10.25 -7.91
CA LEU A 117 -1.85 -11.05 -6.66
C LEU A 117 -3.28 -11.04 -6.09
N GLY A 118 -4.03 -9.97 -6.33
CA GLY A 118 -5.36 -9.92 -5.72
C GLY A 118 -5.91 -8.52 -5.78
N ASN A 119 -6.94 -8.28 -4.96
CA ASN A 119 -7.70 -7.00 -4.99
C ASN A 119 -8.18 -6.74 -3.57
N PHE A 120 -8.06 -5.50 -3.11
CA PHE A 120 -8.52 -5.18 -1.73
C PHE A 120 -9.42 -3.96 -1.76
N THR A 121 -10.38 -3.94 -0.83
CA THR A 121 -11.34 -2.80 -0.76
C THR A 121 -10.78 -1.59 -0.03
N LEU A 122 -11.29 -0.44 -0.41
N LEU A 122 -11.09 -0.40 -0.56
CA LEU A 122 -10.85 0.88 0.05
CA LEU A 122 -10.83 0.89 0.13
C LEU A 122 -12.11 1.69 0.40
C LEU A 122 -12.18 1.47 0.53
N ALA A 123 -12.19 2.25 1.60
CA ALA A 123 -13.38 3.04 1.96
C ALA A 123 -12.93 4.35 2.57
N LEU A 124 -13.85 5.32 2.57
CA LEU A 124 -13.55 6.69 3.05
C LEU A 124 -13.97 6.77 4.51
N TYR A 125 -12.97 6.93 5.39
CA TYR A 125 -13.18 6.84 6.85
C TYR A 125 -12.95 8.19 7.51
N CYS A 126 -13.67 8.36 8.60
CA CYS A 126 -13.49 9.55 9.48
C CYS A 126 -13.63 9.07 10.92
N ALA A 127 -13.51 9.97 11.88
CA ALA A 127 -13.53 9.57 13.30
C ALA A 127 -14.94 9.55 13.92
N SER A 128 -16.00 9.82 13.17
CA SER A 128 -17.35 9.92 13.78
C SER A 128 -18.36 9.21 12.91
N PRO A 129 -19.48 8.74 13.50
CA PRO A 129 -20.58 8.22 12.69
C PRO A 129 -21.40 9.39 12.12
N ALA A 130 -22.11 9.11 11.04
CA ALA A 130 -23.12 10.04 10.49
C ALA A 130 -22.51 11.35 10.02
N LYS A 131 -21.34 11.30 9.37
CA LYS A 131 -20.76 12.54 8.82
C LYS A 131 -20.80 12.51 7.30
N ASN A 132 -21.02 13.68 6.70
CA ASN A 132 -20.92 13.86 5.24
C ASN A 132 -19.57 14.47 4.91
N ARG A 133 -19.11 14.24 3.69
N ARG A 133 -19.10 14.18 3.69
CA ARG A 133 -17.75 14.66 3.30
CA ARG A 133 -17.79 14.66 3.14
C ARG A 133 -17.58 16.18 3.39
C ARG A 133 -17.61 16.15 3.42
N ASN A 134 -18.66 16.95 3.18
CA ASN A 134 -18.51 18.44 3.22
C ASN A 134 -18.37 18.94 4.66
N GLU A 135 -18.47 18.07 5.68
CA GLU A 135 -18.32 18.46 7.11
C GLU A 135 -16.90 18.12 7.56
N LEU A 136 -16.05 17.65 6.65
CA LEU A 136 -14.72 17.12 7.04
C LEU A 136 -13.62 17.71 6.17
N ASN A 137 -12.38 17.55 6.64
CA ASN A 137 -11.18 17.89 5.86
C ASN A 137 -10.68 16.65 5.16
N TYR A 138 -10.67 16.70 3.83
N TYR A 138 -10.75 16.63 3.83
CA TYR A 138 -10.12 15.57 3.07
CA TYR A 138 -10.27 15.46 3.03
C TYR A 138 -8.61 15.53 3.27
C TYR A 138 -8.74 15.42 3.05
N LEU A 139 -8.13 14.35 3.62
CA LEU A 139 -6.67 14.16 3.73
C LEU A 139 -6.26 13.20 2.62
N ARG A 140 -5.03 13.33 2.12
CA ARG A 140 -4.64 12.51 0.97
C ARG A 140 -3.64 11.43 1.36
N LEU A 141 -4.08 10.17 1.36
CA LEU A 141 -3.14 9.03 1.47
C LEU A 141 -2.81 8.62 0.04
N GLU A 142 -1.53 8.56 -0.28
N GLU A 142 -1.53 8.66 -0.36
CA GLU A 142 -1.14 8.24 -1.68
CA GLU A 142 -1.15 8.40 -1.78
C GLU A 142 -1.56 6.82 -2.03
C GLU A 142 -1.37 6.93 -2.15
N TRP A 143 -2.17 6.66 -3.21
CA TRP A 143 -2.56 5.29 -3.67
C TRP A 143 -2.04 5.00 -5.07
N GLY A 144 -1.22 5.90 -5.62
CA GLY A 144 -0.66 5.71 -6.97
C GLY A 144 -1.14 6.82 -7.91
N PRO A 145 -0.38 7.10 -8.99
CA PRO A 145 -0.75 8.13 -9.96
C PRO A 145 -2.19 8.11 -10.48
N ASP A 146 -2.75 6.90 -10.68
CA ASP A 146 -4.08 6.77 -11.36
C ASP A 146 -5.25 6.84 -10.37
N PHE A 147 -5.00 6.98 -9.07
CA PHE A 147 -6.11 6.95 -8.08
C PHE A 147 -6.85 8.31 -8.01
N GLN A 148 -6.09 9.41 -8.08
CA GLN A 148 -6.70 10.77 -8.02
C GLN A 148 -5.84 11.74 -8.84
N ASP A 159 -9.47 22.94 -3.15
CA ASP A 159 -8.95 22.89 -1.76
C ASP A 159 -7.69 22.04 -1.70
N VAL A 160 -6.69 22.52 -0.94
CA VAL A 160 -5.42 21.78 -0.72
C VAL A 160 -5.61 20.95 0.53
N PRO A 161 -5.30 19.63 0.49
CA PRO A 161 -5.47 18.80 1.66
C PRO A 161 -4.61 19.29 2.83
N LEU A 162 -5.18 19.23 4.03
N LEU A 162 -5.20 19.28 4.03
CA LEU A 162 -4.45 19.66 5.25
CA LEU A 162 -4.44 19.69 5.24
C LEU A 162 -3.22 18.78 5.47
C LEU A 162 -3.18 18.82 5.33
N LEU A 163 -3.34 17.52 5.06
CA LEU A 163 -2.22 16.56 5.16
C LEU A 163 -2.21 15.68 3.95
N THR A 164 -1.01 15.42 3.44
CA THR A 164 -0.73 14.47 2.36
C THR A 164 0.43 13.58 2.84
N THR A 165 0.30 12.27 2.72
CA THR A 165 1.40 11.37 3.17
C THR A 165 1.26 10.04 2.45
N SER A 166 2.22 9.15 2.68
CA SER A 166 2.18 7.77 2.15
C SER A 166 2.08 6.75 3.28
N SER A 167 1.99 7.21 4.54
CA SER A 167 1.80 6.28 5.68
C SER A 167 0.35 6.27 6.16
N ALA A 168 -0.29 5.11 6.06
CA ALA A 168 -1.67 4.95 6.60
C ALA A 168 -1.67 5.16 8.10
N GLU A 169 -0.64 4.68 8.81
N GLU A 169 -0.63 4.67 8.77
CA GLU A 169 -0.66 4.87 10.28
CA GLU A 169 -0.58 4.79 10.25
C GLU A 169 -0.55 6.36 10.60
C GLU A 169 -0.53 6.27 10.64
N LEU A 170 0.28 7.09 9.86
N LEU A 170 0.24 7.08 9.91
CA LEU A 170 0.45 8.54 10.12
CA LEU A 170 0.32 8.52 10.25
C LEU A 170 -0.88 9.24 9.87
C LEU A 170 -1.01 9.19 9.94
N ILE A 171 -1.54 8.92 8.74
CA ILE A 171 -2.79 9.64 8.39
C ILE A 171 -3.88 9.22 9.39
N TYR A 172 -3.87 7.99 9.89
CA TYR A 172 -4.85 7.54 10.91
C TYR A 172 -4.68 8.32 12.23
N GLN A 173 -3.44 8.44 12.72
N GLN A 173 -3.42 8.49 12.66
CA GLN A 173 -3.19 9.22 13.96
CA GLN A 173 -3.07 9.15 13.94
C GLN A 173 -3.68 10.66 13.77
C GLN A 173 -3.27 10.68 13.84
N GLN A 174 -3.35 11.24 12.61
CA GLN A 174 -3.61 12.70 12.37
C GLN A 174 -5.11 12.95 12.17
N LEU A 175 -5.81 12.00 11.59
CA LEU A 175 -7.22 12.14 11.21
C LEU A 175 -8.07 12.53 12.44
N SER A 176 -7.70 12.03 13.61
CA SER A 176 -8.53 12.31 14.81
C SER A 176 -8.33 13.73 15.30
N ARG A 177 -7.29 14.42 14.81
N ARG A 177 -7.31 14.40 14.76
CA ARG A 177 -7.07 15.81 15.31
CA ARG A 177 -6.92 15.75 15.24
C ARG A 177 -7.20 16.83 14.16
C ARG A 177 -7.16 16.80 14.16
N LEU A 178 -7.46 16.36 12.94
CA LEU A 178 -7.62 17.26 11.78
C LEU A 178 -9.04 17.20 11.24
N ASN A 179 -10.02 16.81 12.05
CA ASN A 179 -11.42 16.69 11.54
C ASN A 179 -11.40 16.01 10.15
N GLY A 180 -10.67 14.91 10.02
CA GLY A 180 -10.34 14.44 8.67
C GLY A 180 -11.08 13.23 8.19
N CYS A 181 -10.98 13.03 6.88
CA CYS A 181 -11.39 11.77 6.27
C CYS A 181 -10.32 11.38 5.26
N CYS A 182 -10.18 10.07 5.03
N CYS A 182 -10.30 10.09 4.95
CA CYS A 182 -9.24 9.61 3.98
CA CYS A 182 -9.27 9.57 4.04
C CYS A 182 -9.60 8.20 3.53
C CYS A 182 -9.66 8.20 3.50
N TRP A 183 -9.11 7.84 2.35
CA TRP A 183 -9.31 6.49 1.78
C TRP A 183 -8.32 5.52 2.41
N LEU A 184 -8.85 4.52 3.09
CA LEU A 184 -8.00 3.53 3.80
C LEU A 184 -8.43 2.14 3.39
N PRO A 185 -7.50 1.15 3.44
CA PRO A 185 -7.86 -0.25 3.22
C PRO A 185 -8.83 -0.69 4.31
N ALA A 186 -9.97 -1.19 3.86
CA ALA A 186 -11.09 -1.50 4.78
C ALA A 186 -10.72 -2.60 5.79
N ARG A 187 -9.97 -3.62 5.40
CA ARG A 187 -9.67 -4.72 6.35
C ARG A 187 -8.83 -4.16 7.51
N TRP A 188 -7.81 -3.38 7.15
CA TRP A 188 -6.95 -2.73 8.17
C TRP A 188 -7.76 -1.72 9.01
N ALA A 189 -8.61 -0.91 8.37
CA ALA A 189 -9.34 0.14 9.10
C ALA A 189 -10.30 -0.46 10.11
N LYS A 190 -10.85 -1.61 9.78
CA LYS A 190 -11.85 -2.25 10.67
C LYS A 190 -11.27 -2.61 12.04
N GLU A 191 -9.97 -2.92 12.10
N GLU A 191 -9.97 -2.95 12.10
CA GLU A 191 -9.31 -3.32 13.39
CA GLU A 191 -9.33 -3.34 13.37
C GLU A 191 -8.73 -2.10 14.12
C GLU A 191 -8.96 -2.10 14.20
N LYS A 192 -8.97 -0.91 13.60
CA LYS A 192 -8.58 0.32 14.32
C LYS A 192 -9.76 0.79 15.15
N HIS A 193 -9.53 1.54 16.22
N HIS A 193 -9.50 1.60 16.19
CA HIS A 193 -10.71 2.09 16.95
CA HIS A 193 -10.57 2.20 17.02
C HIS A 193 -11.04 3.49 16.42
C HIS A 193 -11.03 3.53 16.41
N GLY A 194 -12.33 3.81 16.45
CA GLY A 194 -12.84 5.15 16.09
C GLY A 194 -12.77 5.45 14.61
N LEU A 195 -13.01 4.45 13.76
CA LEU A 195 -13.17 4.77 12.33
C LEU A 195 -14.58 4.38 11.89
N HIS A 196 -15.18 5.28 11.12
CA HIS A 196 -16.56 5.12 10.62
C HIS A 196 -16.53 5.56 9.17
N THR A 197 -17.21 4.82 8.28
N THR A 197 -17.37 4.91 8.36
CA THR A 197 -17.24 5.27 6.88
CA THR A 197 -17.49 5.24 6.93
C THR A 197 -18.06 6.57 6.79
C THR A 197 -18.18 6.61 6.76
N VAL A 198 -17.62 7.48 5.92
CA VAL A 198 -18.30 8.75 5.57
C VAL A 198 -19.60 8.35 4.85
N MSE A 199 -20.70 9.00 5.23
N MSE A 199 -20.71 9.01 5.20
CA MSE A 199 -22.01 8.64 4.72
CA MSE A 199 -21.99 8.57 4.68
C MSE A 199 -22.08 8.69 3.19
C MSE A 199 -22.11 8.70 3.16
O MSE A 199 -22.54 7.74 2.56
O MSE A 199 -22.72 7.84 2.52
CB MSE A 199 -23.09 9.54 5.32
CB MSE A 199 -23.10 9.33 5.38
CG MSE A 199 -23.36 9.29 6.80
CG MSE A 199 -23.41 8.81 6.74
SE MSE A 199 -23.50 7.39 7.26
SE MSE A 199 -25.02 9.66 7.35
CE MSE A 199 -24.99 6.53 6.31
CE MSE A 199 -24.77 11.60 7.11
N ASP A 200 -21.63 9.81 2.58
CA ASP A 200 -21.83 9.95 1.14
C ASP A 200 -20.62 9.39 0.40
N SER A 201 -20.38 8.08 0.52
CA SER A 201 -19.16 7.58 -0.15
C SER A 201 -19.32 6.12 -0.57
N ALA A 202 -18.66 5.81 -1.67
CA ALA A 202 -18.69 4.46 -2.22
C ALA A 202 -17.52 3.62 -1.70
N THR A 203 -17.70 2.31 -1.71
CA THR A 203 -16.59 1.38 -1.46
C THR A 203 -15.82 1.22 -2.78
N LEU A 204 -14.53 1.53 -2.75
CA LEU A 204 -13.68 1.39 -3.95
C LEU A 204 -12.72 0.22 -3.72
N SER A 205 -11.69 0.11 -4.55
CA SER A 205 -10.78 -1.03 -4.40
C SER A 205 -9.47 -0.72 -5.11
N ARG A 206 -8.47 -1.54 -4.85
CA ARG A 206 -7.20 -1.50 -5.63
C ARG A 206 -6.79 -2.92 -5.95
N PRO A 207 -6.17 -3.11 -7.13
CA PRO A 207 -5.48 -4.34 -7.43
C PRO A 207 -4.11 -4.36 -6.72
N LEU A 208 -3.55 -5.54 -6.56
CA LEU A 208 -2.20 -5.70 -5.96
C LEU A 208 -1.36 -6.49 -6.95
N TYR A 209 -0.24 -5.91 -7.37
CA TYR A 209 0.68 -6.55 -8.34
C TYR A 209 2.08 -6.76 -7.76
N ALA A 210 2.68 -7.86 -8.19
CA ALA A 210 4.13 -8.09 -8.05
C ALA A 210 4.76 -7.71 -9.40
N ILE A 211 5.80 -6.90 -9.37
CA ILE A 211 6.56 -6.46 -10.58
C ILE A 211 8.03 -6.87 -10.38
N TRP A 212 8.65 -7.41 -11.42
CA TRP A 212 10.09 -7.77 -11.31
C TRP A 212 10.74 -7.63 -12.68
N LEU A 213 12.07 -7.66 -12.69
CA LEU A 213 12.84 -7.61 -13.96
C LEU A 213 12.72 -8.97 -14.62
N GLN A 214 12.22 -9.01 -15.85
CA GLN A 214 11.96 -10.30 -16.54
C GLN A 214 13.22 -11.15 -16.56
N ASN A 215 14.39 -10.52 -16.78
N ASN A 215 14.38 -10.51 -16.78
CA ASN A 215 15.66 -11.30 -16.86
CA ASN A 215 15.66 -11.23 -16.87
C ASN A 215 16.36 -11.33 -15.51
C ASN A 215 16.38 -11.22 -15.52
N SER A 216 15.63 -11.05 -14.42
CA SER A 216 16.26 -11.09 -13.07
C SER A 216 17.04 -12.39 -12.90
N ASP A 217 18.21 -12.28 -12.25
CA ASP A 217 19.04 -13.45 -11.90
C ASP A 217 18.37 -14.20 -10.75
N LYS A 218 17.29 -13.67 -10.15
CA LYS A 218 16.63 -14.38 -9.02
C LYS A 218 15.23 -14.82 -9.45
N GLN A 219 15.02 -15.10 -10.74
CA GLN A 219 13.63 -15.43 -11.17
C GLN A 219 13.14 -16.67 -10.42
N ALA A 220 14.03 -17.59 -10.07
CA ALA A 220 13.61 -18.83 -9.39
C ALA A 220 13.04 -18.50 -8.01
N GLN A 221 13.73 -17.64 -7.26
CA GLN A 221 13.25 -17.32 -5.89
C GLN A 221 12.00 -16.45 -5.98
N ILE A 222 11.94 -15.51 -6.94
CA ILE A 222 10.71 -14.70 -7.14
C ILE A 222 9.52 -15.64 -7.37
N HIS A 223 9.68 -16.62 -8.26
CA HIS A 223 8.57 -17.57 -8.53
C HIS A 223 8.09 -18.25 -7.23
N GLU A 224 9.01 -18.69 -6.36
CA GLU A 224 8.59 -19.43 -5.13
C GLU A 224 7.97 -18.48 -4.09
N ILE A 225 8.49 -17.27 -3.96
CA ILE A 225 7.95 -16.29 -2.96
C ILE A 225 6.49 -15.96 -3.32
N LEU A 226 6.21 -15.82 -4.62
CA LEU A 226 4.87 -15.37 -5.05
C LEU A 226 3.83 -16.49 -4.88
N LYS A 227 4.27 -17.69 -4.50
CA LYS A 227 3.32 -18.79 -4.17
C LYS A 227 2.71 -18.55 -2.79
N ASN A 228 3.29 -17.66 -1.96
CA ASN A 228 2.67 -17.37 -0.63
C ASN A 228 1.69 -16.22 -0.84
N PRO A 229 0.37 -16.43 -0.59
CA PRO A 229 -0.63 -15.41 -0.87
C PRO A 229 -0.56 -14.23 0.11
N ILE A 230 -0.71 -13.00 -0.40
CA ILE A 230 -0.73 -11.76 0.43
C ILE A 230 -2.15 -11.56 0.91
N LEU A 231 -3.12 -11.65 -0.01
CA LEU A 231 -4.56 -11.51 0.29
C LEU A 231 -5.21 -12.89 0.20
CL CL B . 12.64 7.15 -2.42
CL CL C . 4.08 0.20 -3.54
CL CL D . 1.13 1.27 -4.51
#